data_1BR5
#
_entry.id   1BR5
#
_cell.length_a   42.810
_cell.length_b   68.790
_cell.length_c   50.090
_cell.angle_alpha   90.00
_cell.angle_beta   112.83
_cell.angle_gamma   90.00
#
_symmetry.space_group_name_H-M   'P 1 21 1'
#
loop_
_entity.id
_entity.type
_entity.pdbx_description
1 polymer 'PROTEIN (RICIN)'
2 non-polymer NEOPTERIN
3 water water
#
_entity_poly.entity_id   1
_entity_poly.type   'polypeptide(L)'
_entity_poly.pdbx_seq_one_letter_code
;IFPKQYPIINFTTAGATVQSYTNFIRAVRGRLTTGADVRHEIPVLPNRVGLPINQRFILVELSNHAELSVTLALDVTNAY
VVGYRAGNSAYFFHPDNQEDAEAITHLFTDVQNRYTFAFGGNYDRLEQLAGNLRENIELGNGPLEEAISALYYYSTGGTQ
LPTLARSFIICIQMISEAARFQYIEGEMRTRIRYNRRSAPDPSVITLENSWGRLSTAIQESNQGAFASPIQLQRRNGSKF
SVYDVSILIPIIALMVYRCAPPPSSQF
;
_entity_poly.pdbx_strand_id   A
#
# COMPACT_ATOMS: atom_id res chain seq x y z
N ILE A 1 -27.60 3.11 -7.60
CA ILE A 1 -26.30 3.25 -6.95
C ILE A 1 -25.96 1.80 -6.52
N PHE A 2 -24.71 1.47 -6.17
CA PHE A 2 -24.39 0.14 -5.68
C PHE A 2 -24.60 0.20 -4.15
N PRO A 3 -24.93 -0.88 -3.40
CA PRO A 3 -25.13 -0.82 -1.95
C PRO A 3 -23.85 -0.46 -1.20
N LYS A 4 -23.74 0.86 -1.02
CA LYS A 4 -22.60 1.57 -0.44
C LYS A 4 -21.47 1.63 -1.48
N GLN A 5 -21.21 2.91 -1.78
CA GLN A 5 -20.08 3.27 -2.62
C GLN A 5 -18.98 3.36 -1.59
N TYR A 6 -17.93 2.55 -1.81
CA TYR A 6 -16.76 2.57 -0.94
C TYR A 6 -16.09 3.97 -0.92
N PRO A 7 -15.38 4.47 0.13
CA PRO A 7 -14.69 5.76 0.13
C PRO A 7 -13.59 5.89 -0.90
N ILE A 8 -13.50 7.07 -1.49
CA ILE A 8 -12.57 7.36 -2.57
C ILE A 8 -11.78 8.50 -1.99
N ILE A 9 -10.48 8.49 -2.22
CA ILE A 9 -9.60 9.52 -1.74
C ILE A 9 -8.88 9.86 -3.02
N ASN A 10 -8.87 11.14 -3.37
CA ASN A 10 -8.27 11.63 -4.60
C ASN A 10 -6.90 12.24 -4.30
N PHE A 11 -6.04 12.25 -5.32
CA PHE A 11 -4.70 12.78 -5.24
C PHE A 11 -4.27 13.23 -6.62
N THR A 12 -3.47 14.29 -6.75
CA THR A 12 -2.94 14.63 -8.05
C THR A 12 -1.45 14.96 -8.10
N THR A 13 -0.88 14.44 -9.18
CA THR A 13 0.50 14.62 -9.53
C THR A 13 0.72 16.00 -10.12
N ALA A 14 -0.40 16.60 -10.55
CA ALA A 14 -0.47 17.88 -11.19
C ALA A 14 0.21 19.02 -10.49
N GLY A 15 -0.07 19.38 -9.24
CA GLY A 15 0.70 20.44 -8.61
C GLY A 15 1.15 19.96 -7.25
N ALA A 16 1.67 18.73 -7.13
CA ALA A 16 1.98 18.11 -5.85
C ALA A 16 3.12 18.74 -5.08
N THR A 17 2.96 18.73 -3.76
CA THR A 17 3.93 19.25 -2.82
C THR A 17 3.97 18.31 -1.64
N VAL A 18 4.89 18.56 -0.71
CA VAL A 18 4.99 17.77 0.49
C VAL A 18 3.69 17.90 1.26
N GLN A 19 3.05 19.07 1.27
CA GLN A 19 1.79 19.31 1.99
C GLN A 19 0.65 18.51 1.38
N SER A 20 0.48 18.46 0.05
CA SER A 20 -0.62 17.70 -0.49
C SER A 20 -0.35 16.19 -0.45
N TYR A 21 0.91 15.76 -0.41
CA TYR A 21 1.21 14.33 -0.33
C TYR A 21 0.99 13.85 1.10
N THR A 22 1.31 14.65 2.13
CA THR A 22 1.10 14.27 3.52
C THR A 22 -0.41 14.16 3.73
N ASN A 23 -1.16 15.20 3.34
CA ASN A 23 -2.62 15.20 3.43
C ASN A 23 -3.26 13.92 2.90
N PHE A 24 -2.88 13.58 1.65
CA PHE A 24 -3.35 12.40 0.98
C PHE A 24 -2.98 11.17 1.80
N ILE A 25 -1.76 10.99 2.31
CA ILE A 25 -1.42 9.79 3.07
C ILE A 25 -2.11 9.78 4.44
N ARG A 26 -2.34 10.92 5.09
CA ARG A 26 -3.05 10.96 6.37
C ARG A 26 -4.49 10.43 6.16
N ALA A 27 -5.14 10.96 5.10
CA ALA A 27 -6.49 10.61 4.73
C ALA A 27 -6.62 9.12 4.50
N VAL A 28 -5.73 8.57 3.67
CA VAL A 28 -5.70 7.14 3.37
C VAL A 28 -5.55 6.30 4.64
N ARG A 29 -4.65 6.71 5.54
CA ARG A 29 -4.45 6.01 6.79
C ARG A 29 -5.71 6.09 7.64
N GLY A 30 -6.33 7.26 7.67
CA GLY A 30 -7.53 7.49 8.44
C GLY A 30 -8.74 6.72 7.97
N ARG A 31 -8.74 6.36 6.68
CA ARG A 31 -9.72 5.48 6.06
C ARG A 31 -9.47 4.00 6.43
N LEU A 32 -8.21 3.54 6.57
CA LEU A 32 -7.84 2.16 6.90
C LEU A 32 -7.97 1.68 8.37
N THR A 33 -7.51 2.46 9.34
CA THR A 33 -7.44 1.93 10.68
C THR A 33 -8.80 2.06 11.38
N THR A 34 -9.13 1.05 12.19
CA THR A 34 -10.41 0.99 12.91
C THR A 34 -10.71 2.26 13.74
N GLY A 35 -9.62 2.93 14.09
CA GLY A 35 -9.63 4.07 14.99
C GLY A 35 -8.96 3.38 16.18
N ALA A 36 -9.80 2.65 16.92
CA ALA A 36 -9.36 1.83 18.02
C ALA A 36 -8.58 0.60 17.50
N ASP A 37 -8.15 -0.14 18.51
CA ASP A 37 -7.27 -1.28 18.47
C ASP A 37 -5.90 -0.68 18.19
N VAL A 38 -5.39 -0.27 19.34
CA VAL A 38 -4.15 0.41 19.41
C VAL A 38 -3.33 -0.53 20.27
N ARG A 39 -2.32 -1.19 19.66
CA ARG A 39 -1.45 -2.05 20.43
C ARG A 39 -0.17 -1.25 20.65
N HIS A 40 0.21 -0.98 21.91
CA HIS A 40 1.37 -0.22 22.35
C HIS A 40 1.57 1.04 21.49
N GLU A 41 0.45 1.75 21.30
CA GLU A 41 0.30 2.96 20.49
C GLU A 41 0.18 2.87 18.98
N ILE A 42 0.35 1.73 18.28
CA ILE A 42 0.20 1.62 16.84
C ILE A 42 -1.21 1.08 16.58
N PRO A 43 -1.99 1.71 15.68
CA PRO A 43 -3.31 1.28 15.23
C PRO A 43 -3.25 -0.05 14.48
N VAL A 44 -4.16 -0.99 14.71
CA VAL A 44 -4.08 -2.26 14.01
C VAL A 44 -5.22 -2.26 12.99
N LEU A 45 -4.90 -2.83 11.84
CA LEU A 45 -5.85 -2.89 10.75
C LEU A 45 -6.94 -3.92 11.08
N PRO A 46 -8.22 -3.74 10.72
CA PRO A 46 -9.32 -4.62 11.13
C PRO A 46 -9.25 -6.05 10.62
N ASN A 47 -9.65 -6.98 11.50
CA ASN A 47 -9.59 -8.39 11.19
C ASN A 47 -10.50 -8.69 10.02
N ARG A 48 -9.93 -9.46 9.10
CA ARG A 48 -10.64 -9.89 7.90
C ARG A 48 -11.84 -10.76 8.17
N VAL A 49 -11.87 -11.49 9.30
CA VAL A 49 -12.99 -12.39 9.66
C VAL A 49 -14.35 -11.72 9.87
N GLY A 50 -14.55 -10.85 10.86
CA GLY A 50 -15.89 -10.26 11.03
C GLY A 50 -16.00 -8.96 10.27
N LEU A 51 -15.40 -8.85 9.07
CA LEU A 51 -15.47 -7.62 8.32
C LEU A 51 -16.46 -7.79 7.19
N PRO A 52 -17.58 -7.05 7.22
CA PRO A 52 -18.55 -7.04 6.12
C PRO A 52 -17.99 -6.45 4.82
N ILE A 53 -18.36 -7.03 3.66
CA ILE A 53 -17.84 -6.57 2.36
C ILE A 53 -18.16 -5.10 2.16
N ASN A 54 -19.24 -4.50 2.70
CA ASN A 54 -19.49 -3.08 2.46
C ASN A 54 -18.58 -2.11 3.21
N GLN A 55 -17.61 -2.72 3.92
CA GLN A 55 -16.51 -2.10 4.63
C GLN A 55 -15.12 -2.56 4.12
N ARG A 56 -15.05 -3.32 3.05
CA ARG A 56 -13.79 -3.93 2.69
C ARG A 56 -12.76 -3.18 1.92
N PHE A 57 -13.16 -2.16 1.13
CA PHE A 57 -12.24 -1.51 0.24
C PHE A 57 -12.32 -0.01 0.27
N ILE A 58 -11.18 0.58 -0.03
CA ILE A 58 -10.99 2.01 -0.13
C ILE A 58 -10.63 2.14 -1.60
N LEU A 59 -10.95 3.25 -2.24
CA LEU A 59 -10.66 3.40 -3.65
C LEU A 59 -9.82 4.66 -3.70
N VAL A 60 -8.76 4.67 -4.50
CA VAL A 60 -7.86 5.82 -4.58
C VAL A 60 -7.87 6.33 -6.00
N GLU A 61 -8.40 7.53 -6.13
CA GLU A 61 -8.48 8.18 -7.41
C GLU A 61 -7.19 8.96 -7.63
N LEU A 62 -6.42 8.42 -8.55
CA LEU A 62 -5.12 8.91 -8.93
C LEU A 62 -5.32 9.69 -10.21
N SER A 63 -5.25 11.00 -10.07
CA SER A 63 -5.48 11.86 -11.20
C SER A 63 -4.14 12.22 -11.78
N ASN A 64 -4.11 13.01 -12.85
CA ASN A 64 -2.85 13.29 -13.47
C ASN A 64 -2.81 14.60 -14.24
N HIS A 65 -1.56 14.96 -14.44
CA HIS A 65 -1.14 16.10 -15.22
C HIS A 65 -1.70 16.22 -16.64
N ALA A 66 -2.29 15.18 -17.22
CA ALA A 66 -2.88 15.29 -18.54
C ALA A 66 -4.33 14.82 -18.53
N GLU A 67 -4.94 14.98 -17.35
CA GLU A 67 -6.32 14.58 -17.07
C GLU A 67 -6.67 13.15 -17.51
N LEU A 68 -5.90 12.22 -16.94
CA LEU A 68 -6.12 10.81 -17.16
C LEU A 68 -6.30 10.29 -15.74
N SER A 69 -7.20 9.36 -15.49
CA SER A 69 -7.30 8.87 -14.15
C SER A 69 -7.49 7.40 -14.02
N VAL A 70 -6.97 6.98 -12.89
CA VAL A 70 -6.91 5.60 -12.51
C VAL A 70 -7.51 5.51 -11.12
N THR A 71 -8.30 4.50 -10.81
CA THR A 71 -8.86 4.29 -9.49
C THR A 71 -8.34 2.93 -9.03
N LEU A 72 -7.61 2.92 -7.92
CA LEU A 72 -7.09 1.70 -7.30
C LEU A 72 -7.98 1.18 -6.19
N ALA A 73 -8.04 -0.14 -6.04
CA ALA A 73 -8.76 -0.72 -4.94
C ALA A 73 -7.73 -1.16 -3.90
N LEU A 74 -7.97 -0.72 -2.67
CA LEU A 74 -7.18 -1.01 -1.47
C LEU A 74 -7.98 -1.86 -0.51
N ASP A 75 -7.37 -2.94 -0.02
CA ASP A 75 -7.97 -3.84 0.94
C ASP A 75 -7.61 -3.30 2.32
N VAL A 76 -8.64 -2.96 3.06
CA VAL A 76 -8.52 -2.40 4.37
C VAL A 76 -7.72 -3.25 5.37
N THR A 77 -7.95 -4.54 5.35
CA THR A 77 -7.26 -5.43 6.26
C THR A 77 -5.77 -5.56 6.06
N ASN A 78 -5.14 -4.97 5.04
CA ASN A 78 -3.69 -5.04 4.85
C ASN A 78 -3.10 -3.95 3.94
N ALA A 79 -3.94 -2.99 3.56
CA ALA A 79 -3.65 -1.96 2.59
C ALA A 79 -3.12 -2.50 1.27
N TYR A 80 -3.35 -3.76 0.92
CA TYR A 80 -2.95 -4.31 -0.37
C TYR A 80 -3.66 -3.71 -1.57
N VAL A 81 -2.99 -3.39 -2.67
CA VAL A 81 -3.60 -2.92 -3.90
C VAL A 81 -4.16 -4.18 -4.59
N VAL A 82 -5.47 -4.39 -4.62
CA VAL A 82 -6.02 -5.62 -5.19
C VAL A 82 -6.32 -5.47 -6.69
N GLY A 83 -6.38 -4.28 -7.27
CA GLY A 83 -6.72 -4.13 -8.68
C GLY A 83 -7.01 -2.69 -9.00
N TYR A 84 -7.52 -2.35 -10.17
CA TYR A 84 -7.74 -0.97 -10.50
C TYR A 84 -8.72 -0.82 -11.65
N ARG A 85 -9.09 0.41 -11.92
CA ARG A 85 -10.06 0.75 -12.94
C ARG A 85 -9.57 1.97 -13.73
N ALA A 86 -9.74 1.91 -15.04
CA ALA A 86 -9.28 2.97 -15.93
C ALA A 86 -10.24 2.92 -17.10
N GLY A 87 -10.84 4.06 -17.40
CA GLY A 87 -11.87 4.19 -18.42
C GLY A 87 -13.05 3.25 -18.07
N ASN A 88 -13.33 2.31 -18.95
CA ASN A 88 -14.46 1.42 -18.69
C ASN A 88 -14.15 -0.02 -18.34
N SER A 89 -12.85 -0.25 -18.07
CA SER A 89 -12.35 -1.55 -17.72
C SER A 89 -11.83 -1.62 -16.29
N ALA A 90 -11.72 -2.82 -15.76
CA ALA A 90 -11.26 -3.06 -14.42
C ALA A 90 -10.45 -4.34 -14.56
N TYR A 91 -9.34 -4.32 -13.84
CA TYR A 91 -8.37 -5.42 -13.85
C TYR A 91 -7.98 -5.71 -12.40
N PHE A 92 -7.89 -6.95 -11.99
CA PHE A 92 -7.60 -7.29 -10.60
C PHE A 92 -6.47 -8.30 -10.67
N PHE A 93 -5.60 -8.35 -9.67
CA PHE A 93 -4.59 -9.42 -9.69
C PHE A 93 -5.28 -10.78 -9.48
N HIS A 94 -4.68 -11.95 -9.68
CA HIS A 94 -5.34 -13.23 -9.37
C HIS A 94 -5.46 -13.39 -7.84
N PRO A 95 -6.65 -13.54 -7.18
CA PRO A 95 -6.74 -13.78 -5.74
C PRO A 95 -5.99 -15.01 -5.25
N ASP A 96 -5.67 -14.88 -3.98
CA ASP A 96 -4.87 -15.88 -3.29
C ASP A 96 -5.60 -17.02 -2.61
N ASN A 97 -6.92 -16.88 -2.65
CA ASN A 97 -7.83 -17.79 -2.04
C ASN A 97 -9.23 -17.37 -2.49
N GLN A 98 -10.07 -18.37 -2.37
CA GLN A 98 -11.50 -18.30 -2.63
C GLN A 98 -12.18 -17.12 -1.97
N GLU A 99 -12.00 -16.89 -0.66
CA GLU A 99 -12.66 -15.78 0.05
C GLU A 99 -12.39 -14.41 -0.59
N ASP A 100 -11.13 -14.24 -1.03
CA ASP A 100 -10.70 -13.01 -1.64
C ASP A 100 -11.29 -12.99 -3.03
N ALA A 101 -11.22 -14.07 -3.79
CA ALA A 101 -11.87 -14.15 -5.11
C ALA A 101 -13.35 -13.76 -5.06
N GLU A 102 -14.01 -14.15 -3.98
CA GLU A 102 -15.41 -13.84 -3.74
C GLU A 102 -15.64 -12.34 -3.53
N ALA A 103 -14.87 -11.74 -2.60
CA ALA A 103 -14.98 -10.33 -2.22
C ALA A 103 -14.70 -9.33 -3.33
N ILE A 104 -13.70 -9.68 -4.11
CA ILE A 104 -13.30 -8.91 -5.28
C ILE A 104 -14.46 -8.67 -6.27
N THR A 105 -15.57 -9.43 -6.28
CA THR A 105 -16.68 -9.21 -7.20
C THR A 105 -17.53 -7.99 -6.83
N HIS A 106 -17.33 -7.48 -5.62
CA HIS A 106 -18.12 -6.36 -5.18
C HIS A 106 -17.40 -5.07 -5.52
N LEU A 107 -16.28 -5.16 -6.24
CA LEU A 107 -15.56 -3.97 -6.58
C LEU A 107 -16.21 -3.28 -7.76
N PHE A 108 -15.51 -2.64 -8.67
CA PHE A 108 -16.02 -1.86 -9.80
C PHE A 108 -17.10 -2.55 -10.65
N THR A 109 -18.34 -2.75 -10.17
CA THR A 109 -19.37 -3.57 -10.83
C THR A 109 -20.08 -2.92 -12.00
N ASP A 110 -19.91 -1.61 -12.01
CA ASP A 110 -20.47 -0.81 -13.06
C ASP A 110 -19.56 -0.77 -14.29
N VAL A 111 -18.36 -1.43 -14.27
CA VAL A 111 -17.52 -1.37 -15.44
C VAL A 111 -18.10 -2.34 -16.43
N GLN A 112 -17.86 -2.00 -17.68
CA GLN A 112 -18.24 -2.85 -18.77
C GLN A 112 -17.24 -3.99 -18.80
N ASN A 113 -15.92 -3.77 -18.77
CA ASN A 113 -14.99 -4.87 -18.91
C ASN A 113 -14.21 -5.21 -17.64
N ARG A 114 -14.32 -6.40 -17.10
CA ARG A 114 -13.58 -6.80 -15.92
C ARG A 114 -12.64 -7.88 -16.42
N TYR A 115 -11.43 -7.87 -15.85
CA TYR A 115 -10.39 -8.83 -16.17
C TYR A 115 -9.75 -9.15 -14.86
N THR A 116 -9.41 -10.42 -14.62
CA THR A 116 -8.67 -10.83 -13.44
C THR A 116 -7.40 -11.40 -14.09
N PHE A 117 -6.25 -10.90 -13.68
CA PHE A 117 -4.98 -11.31 -14.24
C PHE A 117 -4.74 -12.73 -13.79
N ALA A 118 -3.85 -13.32 -14.57
CA ALA A 118 -3.39 -14.66 -14.36
C ALA A 118 -2.38 -14.72 -13.21
N PHE A 119 -1.74 -13.59 -12.94
CA PHE A 119 -0.71 -13.51 -11.93
C PHE A 119 -1.22 -12.65 -10.78
N GLY A 120 -0.63 -12.94 -9.61
CA GLY A 120 -0.91 -12.26 -8.37
C GLY A 120 -0.09 -10.99 -8.33
N GLY A 121 -0.40 -10.14 -7.36
CA GLY A 121 0.22 -8.83 -7.29
C GLY A 121 1.37 -8.64 -6.35
N ASN A 122 1.95 -9.67 -5.77
CA ASN A 122 3.07 -9.49 -4.87
C ASN A 122 4.32 -9.21 -5.68
N TYR A 123 5.06 -8.27 -5.10
CA TYR A 123 6.38 -7.84 -5.58
C TYR A 123 7.20 -8.90 -6.27
N ASP A 124 7.33 -10.16 -5.80
CA ASP A 124 8.11 -11.14 -6.54
C ASP A 124 7.61 -11.40 -7.96
N ARG A 125 6.29 -11.59 -8.13
CA ARG A 125 5.69 -11.84 -9.42
C ARG A 125 5.91 -10.57 -10.22
N LEU A 126 5.59 -9.44 -9.63
CA LEU A 126 5.71 -8.16 -10.27
C LEU A 126 7.13 -7.74 -10.63
N GLU A 127 8.18 -8.11 -9.89
CA GLU A 127 9.58 -7.78 -10.23
C GLU A 127 10.04 -8.59 -11.43
N GLN A 128 9.58 -9.84 -11.46
CA GLN A 128 9.87 -10.77 -12.54
C GLN A 128 9.28 -10.36 -13.86
N LEU A 129 8.07 -9.80 -13.74
CA LEU A 129 7.31 -9.24 -14.85
C LEU A 129 7.92 -7.95 -15.37
N ALA A 130 8.17 -7.03 -14.45
CA ALA A 130 8.83 -5.77 -14.74
C ALA A 130 10.25 -5.97 -15.26
N GLY A 131 10.88 -7.11 -14.96
CA GLY A 131 12.25 -7.47 -15.37
C GLY A 131 13.31 -6.55 -14.78
N ASN A 132 12.99 -6.09 -13.56
CA ASN A 132 13.72 -5.02 -12.91
C ASN A 132 13.30 -5.16 -11.47
N LEU A 133 14.27 -5.17 -10.57
CA LEU A 133 13.97 -5.32 -9.18
C LEU A 133 13.62 -4.00 -8.49
N ARG A 134 12.93 -4.01 -7.37
CA ARG A 134 12.59 -2.81 -6.61
C ARG A 134 13.72 -1.82 -6.38
N GLU A 135 14.95 -2.26 -6.08
CA GLU A 135 16.04 -1.31 -5.89
C GLU A 135 16.54 -0.70 -7.20
N ASN A 136 15.95 -0.99 -8.34
CA ASN A 136 16.38 -0.43 -9.61
C ASN A 136 15.27 0.32 -10.27
N ILE A 137 14.17 0.57 -9.53
CA ILE A 137 13.02 1.25 -10.06
C ILE A 137 12.99 2.60 -9.33
N GLU A 138 12.82 3.71 -10.03
CA GLU A 138 12.82 5.02 -9.41
C GLU A 138 11.49 5.45 -8.79
N LEU A 139 11.52 6.13 -7.64
CA LEU A 139 10.32 6.68 -7.01
C LEU A 139 10.31 8.23 -6.93
N GLY A 140 9.13 8.81 -6.74
CA GLY A 140 8.98 10.24 -6.69
C GLY A 140 7.79 10.64 -7.56
N ASN A 141 7.50 11.95 -7.66
CA ASN A 141 6.31 12.42 -8.35
C ASN A 141 6.35 12.23 -9.85
N GLY A 142 7.53 12.33 -10.47
CA GLY A 142 7.70 12.05 -11.89
C GLY A 142 7.46 10.57 -12.21
N PRO A 143 8.04 9.59 -11.50
CA PRO A 143 7.68 8.19 -11.64
C PRO A 143 6.19 7.89 -11.42
N LEU A 144 5.52 8.52 -10.44
CA LEU A 144 4.09 8.34 -10.23
C LEU A 144 3.35 8.96 -11.41
N GLU A 145 3.74 10.11 -11.96
CA GLU A 145 3.16 10.64 -13.18
C GLU A 145 3.22 9.64 -14.32
N GLU A 146 4.35 8.95 -14.43
CA GLU A 146 4.53 7.95 -15.46
C GLU A 146 3.71 6.70 -15.21
N ALA A 147 3.50 6.31 -13.95
CA ALA A 147 2.76 5.09 -13.62
C ALA A 147 1.26 5.18 -13.94
N ILE A 148 0.63 6.27 -13.53
CA ILE A 148 -0.79 6.50 -13.75
C ILE A 148 -1.11 6.49 -15.25
N SER A 149 -0.22 7.07 -16.07
CA SER A 149 -0.35 7.09 -17.54
C SER A 149 -0.32 5.68 -18.07
N ALA A 150 0.59 4.85 -17.57
CA ALA A 150 0.77 3.48 -18.06
C ALA A 150 -0.47 2.60 -17.83
N LEU A 151 -0.99 2.68 -16.61
CA LEU A 151 -2.17 1.96 -16.16
C LEU A 151 -3.41 2.34 -16.93
N TYR A 152 -3.56 3.62 -17.21
CA TYR A 152 -4.62 4.10 -18.03
C TYR A 152 -4.43 3.62 -19.49
N TYR A 153 -3.22 3.57 -20.07
CA TYR A 153 -3.06 3.11 -21.43
C TYR A 153 -3.13 1.62 -21.66
N TYR A 154 -3.04 0.86 -20.57
CA TYR A 154 -3.18 -0.58 -20.65
C TYR A 154 -4.54 -0.99 -21.25
N SER A 155 -5.59 -0.24 -20.91
CA SER A 155 -6.96 -0.38 -21.43
C SER A 155 -6.94 -0.11 -22.93
N THR A 156 -6.45 1.02 -23.42
CA THR A 156 -6.32 1.25 -24.85
C THR A 156 -4.97 0.81 -25.42
N GLY A 157 -4.70 -0.50 -25.37
CA GLY A 157 -3.51 -1.11 -25.93
C GLY A 157 -2.08 -0.54 -25.67
N GLY A 158 -1.69 0.61 -25.05
CA GLY A 158 -0.27 1.02 -24.77
C GLY A 158 0.14 0.42 -23.41
N THR A 159 0.07 -0.86 -23.65
CA THR A 159 0.14 -1.91 -22.68
C THR A 159 1.60 -2.04 -22.37
N GLN A 160 2.20 -3.16 -22.80
CA GLN A 160 3.49 -3.67 -22.43
C GLN A 160 3.44 -3.91 -20.93
N LEU A 161 3.27 -5.22 -20.70
CA LEU A 161 3.22 -5.70 -19.34
C LEU A 161 4.44 -5.41 -18.47
N PRO A 162 5.74 -5.42 -18.88
CA PRO A 162 6.88 -5.02 -18.04
C PRO A 162 6.68 -3.64 -17.45
N THR A 163 6.24 -2.73 -18.31
CA THR A 163 5.91 -1.38 -17.92
C THR A 163 4.70 -1.30 -17.00
N LEU A 164 3.68 -2.15 -17.18
CA LEU A 164 2.52 -2.18 -16.31
C LEU A 164 2.90 -2.73 -14.91
N ALA A 165 3.66 -3.83 -14.80
CA ALA A 165 4.10 -4.38 -13.53
C ALA A 165 5.01 -3.40 -12.76
N ARG A 166 5.91 -2.72 -13.48
CA ARG A 166 6.74 -1.64 -12.97
C ARG A 166 5.88 -0.50 -12.41
N SER A 167 4.82 -0.12 -13.13
CA SER A 167 3.91 0.92 -12.69
C SER A 167 3.15 0.50 -11.44
N PHE A 168 2.76 -0.77 -11.25
CA PHE A 168 2.12 -1.19 -10.02
C PHE A 168 3.06 -1.13 -8.86
N ILE A 169 4.30 -1.63 -8.97
CA ILE A 169 5.32 -1.54 -7.91
C ILE A 169 5.53 -0.10 -7.45
N ILE A 170 5.73 0.86 -8.36
CA ILE A 170 5.88 2.26 -8.03
C ILE A 170 4.68 2.77 -7.21
N CYS A 171 3.47 2.47 -7.71
CA CYS A 171 2.24 2.87 -7.05
C CYS A 171 2.07 2.17 -5.73
N ILE A 172 2.42 0.90 -5.52
CA ILE A 172 2.26 0.23 -4.24
C ILE A 172 3.13 0.90 -3.16
N GLN A 173 4.38 1.28 -3.45
CA GLN A 173 5.27 1.92 -2.51
C GLN A 173 4.86 3.34 -2.14
N MET A 174 4.56 4.23 -3.07
CA MET A 174 4.16 5.60 -2.76
C MET A 174 2.76 5.77 -2.17
N ILE A 175 1.99 4.69 -2.09
CA ILE A 175 0.66 4.69 -1.51
C ILE A 175 0.63 3.66 -0.39
N SER A 176 0.61 2.34 -0.57
CA SER A 176 0.41 1.44 0.57
C SER A 176 1.60 1.35 1.53
N GLU A 177 2.86 1.46 1.10
CA GLU A 177 4.01 1.45 1.99
C GLU A 177 4.15 2.76 2.76
N ALA A 178 3.89 3.89 2.12
CA ALA A 178 3.85 5.17 2.78
C ALA A 178 2.83 5.23 3.93
N ALA A 179 1.71 4.56 3.76
CA ALA A 179 0.67 4.40 4.79
C ALA A 179 1.07 3.43 5.90
N ARG A 180 1.71 2.30 5.56
CA ARG A 180 2.20 1.32 6.51
C ARG A 180 3.31 1.91 7.36
N PHE A 181 4.21 2.71 6.82
CA PHE A 181 5.34 3.23 7.54
C PHE A 181 5.50 4.73 7.38
N GLN A 182 5.50 5.41 8.54
CA GLN A 182 5.82 6.83 8.62
C GLN A 182 7.18 7.05 7.99
N TYR A 183 8.11 6.08 8.18
CA TYR A 183 9.43 6.11 7.56
C TYR A 183 9.34 6.23 6.05
N ILE A 184 8.55 5.37 5.39
CA ILE A 184 8.53 5.42 3.94
C ILE A 184 7.78 6.66 3.46
N GLU A 185 6.70 7.16 4.07
CA GLU A 185 6.16 8.45 3.67
C GLU A 185 7.22 9.57 3.70
N GLY A 186 8.12 9.53 4.68
CA GLY A 186 9.27 10.42 4.77
C GLY A 186 10.23 10.32 3.57
N GLU A 187 10.58 9.14 3.03
CA GLU A 187 11.42 9.03 1.82
C GLU A 187 10.87 9.67 0.55
N MET A 188 9.57 9.49 0.42
CA MET A 188 8.78 10.02 -0.67
C MET A 188 8.62 11.53 -0.55
N ARG A 189 8.40 12.05 0.66
CA ARG A 189 8.33 13.50 0.84
C ARG A 189 9.60 14.19 0.44
N THR A 190 10.77 13.65 0.74
CA THR A 190 12.06 14.20 0.32
C THR A 190 12.18 14.15 -1.19
N ARG A 191 11.80 13.06 -1.83
CA ARG A 191 11.90 13.01 -3.26
C ARG A 191 10.96 14.07 -3.87
N ILE A 192 9.77 14.29 -3.29
CA ILE A 192 8.85 15.31 -3.77
C ILE A 192 9.34 16.73 -3.43
N ARG A 193 9.88 16.97 -2.25
CA ARG A 193 10.49 18.23 -1.85
C ARG A 193 11.56 18.68 -2.84
N TYR A 194 12.50 17.82 -3.19
CA TYR A 194 13.63 18.18 -4.05
C TYR A 194 13.47 17.85 -5.52
N ASN A 195 12.35 17.19 -5.81
CA ASN A 195 12.00 16.78 -7.16
C ASN A 195 13.13 15.93 -7.74
N ARG A 196 13.26 14.89 -6.94
CA ARG A 196 14.23 13.83 -7.05
C ARG A 196 13.47 12.62 -7.58
N ARG A 197 14.18 11.69 -8.20
CA ARG A 197 13.61 10.42 -8.53
C ARG A 197 14.79 9.51 -8.28
N SER A 198 14.58 8.68 -7.27
CA SER A 198 15.62 7.80 -6.76
C SER A 198 15.01 6.46 -6.41
N ALA A 199 15.74 5.41 -6.65
CA ALA A 199 15.29 4.11 -6.20
C ALA A 199 15.30 4.05 -4.67
N PRO A 200 14.42 3.28 -4.02
CA PRO A 200 14.53 2.92 -2.61
C PRO A 200 15.86 2.27 -2.24
N ASP A 201 16.34 2.54 -1.03
CA ASP A 201 17.58 1.96 -0.49
C ASP A 201 17.28 0.77 0.42
N PRO A 202 18.27 0.03 0.94
CA PRO A 202 18.09 -1.09 1.88
C PRO A 202 17.22 -0.90 3.13
N SER A 203 17.24 0.25 3.80
CA SER A 203 16.36 0.44 4.93
C SER A 203 14.89 0.41 4.51
N VAL A 204 14.56 1.02 3.36
CA VAL A 204 13.23 1.08 2.76
C VAL A 204 12.77 -0.31 2.34
N ILE A 205 13.52 -1.04 1.50
CA ILE A 205 13.22 -2.41 1.04
C ILE A 205 13.02 -3.42 2.19
N THR A 206 13.85 -3.42 3.22
CA THR A 206 13.67 -4.34 4.35
C THR A 206 12.40 -4.03 5.19
N LEU A 207 11.94 -2.78 5.28
CA LEU A 207 10.72 -2.49 6.04
C LEU A 207 9.52 -3.09 5.32
N GLU A 208 9.52 -2.95 3.98
CA GLU A 208 8.50 -3.53 3.12
C GLU A 208 8.40 -5.03 3.33
N ASN A 209 9.57 -5.66 3.36
CA ASN A 209 9.63 -7.09 3.51
C ASN A 209 9.34 -7.68 4.86
N SER A 210 9.53 -6.86 5.89
CA SER A 210 9.36 -7.23 7.29
C SER A 210 8.08 -6.79 7.99
N TRP A 211 7.11 -6.12 7.36
CA TRP A 211 5.91 -5.62 7.98
C TRP A 211 5.03 -6.67 8.67
N GLY A 212 4.88 -7.86 8.10
CA GLY A 212 4.08 -8.90 8.70
C GLY A 212 4.66 -9.35 10.03
N ARG A 213 5.96 -9.58 9.90
CA ARG A 213 6.85 -10.01 10.98
C ARG A 213 6.86 -9.00 12.12
N LEU A 214 6.99 -7.71 11.79
CA LEU A 214 6.94 -6.63 12.75
C LEU A 214 5.57 -6.63 13.41
N SER A 215 4.46 -6.67 12.65
CA SER A 215 3.15 -6.73 13.25
C SER A 215 3.05 -7.91 14.24
N THR A 216 3.49 -9.13 13.91
CA THR A 216 3.44 -10.26 14.80
C THR A 216 4.31 -10.01 16.03
N ALA A 217 5.53 -9.49 15.92
CA ALA A 217 6.37 -9.27 17.09
C ALA A 217 5.87 -8.19 18.07
N ILE A 218 5.33 -7.08 17.59
CA ILE A 218 4.73 -6.03 18.41
C ILE A 218 3.47 -6.59 19.06
N GLN A 219 2.64 -7.37 18.35
CA GLN A 219 1.43 -7.90 18.96
C GLN A 219 1.71 -9.02 19.97
N GLU A 220 2.76 -9.83 19.76
CA GLU A 220 3.15 -10.79 20.79
C GLU A 220 4.38 -10.30 21.59
N SER A 221 4.72 -8.99 21.64
CA SER A 221 5.79 -8.56 22.52
C SER A 221 5.22 -8.57 23.92
N ASN A 222 6.07 -8.98 24.87
CA ASN A 222 5.76 -9.05 26.30
C ASN A 222 5.93 -7.63 26.84
N GLN A 223 4.94 -6.89 27.40
CA GLN A 223 5.11 -5.52 27.95
C GLN A 223 5.56 -4.54 26.84
N GLY A 224 6.78 -4.59 26.29
CA GLY A 224 7.14 -3.84 25.09
C GLY A 224 8.25 -4.53 24.31
N ALA A 225 8.77 -5.57 24.93
CA ALA A 225 9.93 -6.28 24.46
C ALA A 225 9.59 -7.42 23.53
N PHE A 226 10.29 -7.36 22.42
CA PHE A 226 10.14 -8.35 21.40
C PHE A 226 10.65 -9.66 22.00
N ALA A 227 9.95 -10.76 21.98
CA ALA A 227 10.49 -12.00 22.54
C ALA A 227 11.72 -12.54 21.79
N SER A 228 12.27 -11.93 20.75
CA SER A 228 13.49 -12.33 20.08
C SER A 228 13.85 -11.16 19.16
N PRO A 229 15.12 -10.83 18.94
CA PRO A 229 15.58 -9.67 18.15
C PRO A 229 15.25 -9.75 16.69
N ILE A 230 14.80 -8.63 16.16
CA ILE A 230 14.45 -8.55 14.75
C ILE A 230 15.56 -7.73 14.17
N GLN A 231 16.04 -8.17 13.04
CA GLN A 231 17.09 -7.44 12.40
C GLN A 231 16.48 -6.64 11.25
N LEU A 232 16.88 -5.39 11.08
CA LEU A 232 16.41 -4.61 9.95
C LEU A 232 17.64 -4.23 9.16
N GLN A 233 17.55 -3.47 8.07
CA GLN A 233 18.75 -3.04 7.38
C GLN A 233 18.86 -1.53 7.41
N ARG A 234 20.11 -1.07 7.51
CA ARG A 234 20.46 0.32 7.50
C ARG A 234 20.42 0.68 6.05
N ARG A 235 20.35 1.97 5.81
CA ARG A 235 20.40 2.51 4.48
C ARG A 235 21.71 2.13 3.76
N ASN A 236 22.77 1.68 4.41
CA ASN A 236 23.97 1.27 3.69
C ASN A 236 24.00 -0.24 3.57
N GLY A 237 22.97 -1.00 3.97
CA GLY A 237 23.02 -2.46 3.95
C GLY A 237 23.52 -3.11 5.25
N SER A 238 23.95 -2.36 6.28
CA SER A 238 24.35 -2.94 7.55
C SER A 238 23.10 -3.49 8.23
N LYS A 239 23.15 -4.67 8.84
CA LYS A 239 21.99 -5.10 9.60
C LYS A 239 22.28 -4.67 11.03
N PHE A 240 21.16 -4.32 11.70
CA PHE A 240 21.12 -4.06 13.13
C PHE A 240 19.86 -4.74 13.73
N SER A 241 19.82 -4.89 15.06
CA SER A 241 18.73 -5.58 15.72
C SER A 241 17.98 -4.65 16.66
N VAL A 242 16.67 -4.75 16.51
CA VAL A 242 15.73 -4.03 17.31
C VAL A 242 15.17 -5.08 18.25
N TYR A 243 15.12 -4.72 19.53
CA TYR A 243 14.61 -5.52 20.63
C TYR A 243 13.31 -4.99 21.30
N ASP A 244 12.79 -3.79 20.96
CA ASP A 244 11.75 -3.11 21.71
C ASP A 244 10.86 -2.25 20.82
N VAL A 245 9.53 -2.23 21.05
CA VAL A 245 8.59 -1.44 20.23
C VAL A 245 8.82 0.10 20.11
N SER A 246 9.41 0.72 21.16
CA SER A 246 9.69 2.16 21.25
C SER A 246 10.59 2.70 20.15
N ILE A 247 11.53 1.87 19.73
CA ILE A 247 12.40 2.19 18.60
C ILE A 247 11.53 2.35 17.36
N LEU A 248 10.56 1.45 17.21
CA LEU A 248 9.71 1.46 16.05
C LEU A 248 8.51 2.40 16.05
N ILE A 249 8.08 2.96 17.18
CA ILE A 249 6.96 3.90 17.19
C ILE A 249 7.07 5.08 16.21
N PRO A 250 8.13 5.88 15.99
CA PRO A 250 8.19 6.79 14.84
C PRO A 250 8.41 6.18 13.46
N ILE A 251 8.49 4.85 13.34
CA ILE A 251 8.75 4.19 12.09
C ILE A 251 7.48 3.61 11.51
N ILE A 252 6.86 2.63 12.15
CA ILE A 252 5.69 1.95 11.60
C ILE A 252 4.42 2.73 11.90
N ALA A 253 3.60 2.99 10.89
CA ALA A 253 2.36 3.75 11.09
C ALA A 253 1.21 2.84 11.42
N LEU A 254 1.10 1.66 10.80
CA LEU A 254 0.04 0.71 11.12
C LEU A 254 0.52 -0.73 10.97
N MET A 255 -0.23 -1.63 11.59
CA MET A 255 0.10 -3.04 11.67
C MET A 255 -1.05 -3.87 11.14
N VAL A 256 -0.77 -5.05 10.60
CA VAL A 256 -1.79 -5.97 10.16
C VAL A 256 -2.21 -6.75 11.41
N TYR A 257 -3.51 -7.07 11.54
CA TYR A 257 -4.07 -7.80 12.66
C TYR A 257 -3.51 -9.21 12.78
N ARG A 258 -3.01 -9.55 13.96
CA ARG A 258 -2.51 -10.89 14.20
C ARG A 258 -3.11 -11.56 15.42
N CYS A 259 -3.31 -10.83 16.51
CA CYS A 259 -3.72 -11.44 17.77
C CYS A 259 -4.85 -10.60 18.34
N ALA A 260 -5.36 -11.05 19.50
CA ALA A 260 -6.48 -10.45 20.24
C ALA A 260 -6.33 -9.05 20.86
N PRO A 261 -7.24 -8.11 20.59
CA PRO A 261 -7.27 -6.80 21.22
C PRO A 261 -7.26 -6.82 22.74
N PRO A 262 -6.08 -6.40 23.24
CA PRO A 262 -5.18 -7.27 24.00
C PRO A 262 -5.98 -8.38 24.77
N PRO A 263 -6.18 -8.29 26.11
CA PRO A 263 -7.40 -7.67 26.69
C PRO A 263 -7.52 -6.13 26.47
N SER A 264 -8.66 -5.58 26.00
CA SER A 264 -8.93 -4.14 25.77
C SER A 264 -7.84 -3.05 25.81
N SER A 265 -7.22 -2.61 26.94
CA SER A 265 -6.18 -1.53 26.96
C SER A 265 -6.44 -0.09 26.34
N GLN A 266 -7.51 0.03 25.52
CA GLN A 266 -8.01 1.27 24.97
C GLN A 266 -9.22 1.69 25.85
N PHE A 267 -9.24 3.01 26.07
CA PHE A 267 -10.28 3.80 26.74
C PHE A 267 -9.82 5.28 26.84
#